data_7U3Y
#
_entry.id   7U3Y
#
_cell.length_a   67.140
_cell.length_b   99.588
_cell.length_c   100.157
_cell.angle_alpha   104.297
_cell.angle_beta   103.013
_cell.angle_gamma   98.105
#
_symmetry.space_group_name_H-M   'P 1'
#
loop_
_entity.id
_entity.type
_entity.pdbx_description
1 polymer "DNA (5'-D(*CP*AP*CP*GP*AP*GP*CP*CP*TP*GP*AP*TP*CP*GP*GP*AP*CP*AP*AP*GP*A)-3')"
2 polymer "DNA (5'-D(*TP*TP*AP*GP*TP*CP*GP*TP*GP*GP*CP*TP*CP*G)-3')"
3 polymer "DNA (5'-D(*GP*AP*TP*CP*TP*TP*GP*TP*GP*GP*CP*TP*GP*C)-3')"
4 polymer "DNA (5'-D(*AP*GP*GP*CP*AP*GP*CP*CP*TP*GP*TP*AP*CP*GP*GP*AP*CP*AP*TP*CP*A)-3')"
5 polymer "DNA (5'-D(*AP*CP*TP*GP*AP*TP*GP*TP*GP*GP*TP*AP*GP*G)-3')"
6 polymer "DNA (5'-D(*AP*AP*CP*CP*TP*AP*CP*CP*TP*GP*GP*CP*AP*GP*GP*AP*CP*GP*AP*CP*T)-3')"
7 polymer "DNA (5'-D(P*TP*CP*AP*CP*CP*TP*GP*CP*CP*AP*CP*CP*GP*TP*AP*CP*AP*CP*CP*GP*A)-3')"
8 polymer "DNA (5'-D(P*TP*CP*CP*GP*CP*TP*AP*GP*CP*G)-3')"
9 polymer "DNA (5'-D(*TP*GP*CP*GP*CP*TP*AP*GP*CP*G)-3')"
10 polymer "DNA (5'-D(P*GP*TP*CP*TP*AP*TP*GP*CP*TP*A)-3')"
11 polymer "DNA (5'-D(*CP*TP*TP*AP*GP*CP*AP*TP*AP*G)-3')"
#
loop_
_entity_poly.entity_id
_entity_poly.type
_entity_poly.pdbx_seq_one_letter_code
_entity_poly.pdbx_strand_id
1 'polydeoxyribonucleotide'
;(DC)(DA)(DC)(DG)(DA)(DG)(DC)(DC)(DT)(DG)(DA)(DT)(DC)(DG)(DG)(DA)(DC)(DA)(DA)(DG)
(DA)
;
A
2 'polydeoxyribonucleotide' (DT)(DT)(DA)(DG)(DT)(DC)(DG)(DT)(DG)(DG)(DC)(DT)(DC)(DG) E
3 'polydeoxyribonucleotide' (DG)(DA)(DT)(DC)(DT)(DT)(DG)(DT)(DG)(DG)(DC)(DT)(DG)(DC) D
4 'polydeoxyribonucleotide'
;(DA)(DG)(DG)(DC)(DA)(DG)(DC)(DC)(DT)(DG)(DT)(DA)(DC)(DG)(DG)(DA)(DC)(DA)(DT)(DC)
(DA)
;
B
5 'polydeoxyribonucleotide' (DA)(DC)(DT)(DG)(DA)(DT)(DG)(DT)(DG)(DG)(DT)(DA)(DG)(DG) F
6 'polydeoxyribonucleotide'
;(DA)(DA)(DC)(DC)(DT)(DA)(DC)(DC)(DT)(DG)(DG)(DC)(DA)(DG)(DG)(DA)(DC)(DG)(DA)(DC)
(DT)
;
C
7 'polydeoxyribonucleotide'
;(DT)(DC)(DA)(DC)(DC)(DT)(DG)(DC)(DC)(DA)(DC)(DC)(DG)(DT)(DA)(DC)(DA)(DC)(DC)(DG)
(DA)
;
M
8 'polydeoxyribonucleotide' (DT)(DC)(DC)(DG)(DC)(DT)(DA)(DG)(DC)(DG) U
9 'polydeoxyribonucleotide' (DT)(DG)(DC)(DG)(DC)(DT)(DA)(DG)(DC)(DG) V
10 'polydeoxyribonucleotide' (DG)(DT)(DC)(DT)(DA)(DT)(DG)(DC)(DT)(DA) X
11 'polydeoxyribonucleotide' (DC)(DT)(DT)(DA)(DG)(DC)(DA)(DT)(DA)(DG) Y
#